data_7X92
#
_entry.id   7X92
#
_cell.length_a   1.00
_cell.length_b   1.00
_cell.length_c   1.00
_cell.angle_alpha   90.00
_cell.angle_beta   90.00
_cell.angle_gamma   90.00
#
_symmetry.space_group_name_H-M   'P 1'
#
loop_
_entity.id
_entity.type
_entity.pdbx_description
1 polymer 'Spike glycoprotein'
2 polymer 'Ab445 heavy chain'
3 polymer 'Ab445 light chain'
4 branched 2-acetamido-2-deoxy-beta-D-glucopyranose-(1-4)-2-acetamido-2-deoxy-beta-D-glucopyranose
#
loop_
_entity_poly.entity_id
_entity_poly.type
_entity_poly.pdbx_seq_one_letter_code
_entity_poly.pdbx_strand_id
1 'polypeptide(L)'
;MFVFLVLLPLVSSQCVNLTTRTQLPPAYTNSFTRGVYYPDKVFRSSVLHSTQDLFLPFFSNVTWFHAIHVSGTNGTKRFD
NPVLPFNDGVYFASTEKSNIIRGWIFGTTLDSKTQSLLIVNNATNVVIKVCEFQFCNDPFLGVYYHKNNKSWMESEFRVY
SSANNCTFEYVSQPFLMDLEGKQGNFKNLREFVFKNIDGYFKIYSKHTPINLVRDLPQGFSALEPLVDLPIGINITRFQT
LLALHRSYLTPGDSSSGWTAGAAAYYVGYLQPRTFLLKYNENGTITDAVDCALDPLSETKCTLKSFTVEKGIYQTSNFRV
QPTESIVRFPNITNLCPFGEVFNATRFASVYAWNRKRISNCVADYSVLYNSASFSTFKCYGVSPTKLNDLCFTNVYADSF
VIRGDEVRQIAPGQTGKIADYNYKLPDDFTGCVIAWNSNNLDSKVGGNYNYLYRLFRKSNLKPFERDISTEIYQAGSTPC
NGVEGFNCYFPLQSYGFQPTNGVGYQPYRVVVLSFELLHAPATVCGPKKSTNLVKNKCVNFNFNGLTGTGVLTESNKKFL
PFQQFGRDIADTTDAVRDPQTLEILDITPCSFGGVSVITPGTNTSNQVAVLYQDVNCTEVPVAIHADQLTPTWRVYSTGS
NVFQTRAGCLIGAEHVNNSYECDIPIGAGICASYQTQTNSPGSASSVASQSIIAYTMSLGAENSVAYSNNSIAIPTNFTI
SVTTEILPVSMTKTSVDCTMYICGDSTECSNLLLQYGSFCTQLNRALTGIAVEQDKNTQEVFAQVKQIYKTPPIKDFGGF
NFSQILPDPSKPSKRSPIEDLLFNKVTLADAGFIKQYGDCLGDIAARDLICAQKFNGLTVLPPLLTDEMIAQYTSALLAG
TITSGWTFGAGPALQIPFPMQMAYRFNGIGVTQNVLYENQKLIANQFNSAIGKIQDSLSSTPSALGKLQDVVNQNAQALN
TLVKQLSSNFGAISSVLNDILSRLDPPEAEVQIDRLITGRLQSLQTYVTQQLIRAAEIRASANLAATKMSECVLGQSKRV
DFCGKGYHLMSFPQSAPHGVVFLHVTYVPAQEKNFTTAPAICHDGKAHFPREGVFVSNGTHWFVTQRNFYEPQIITTDNT
FVSGNCDVVIGIVNNTVYDPLQPELDSFKEELDKYFKNHTSPDVDLGDISGINASVVNIQKEIDRLNEVAKNLNESLIDL
QELGKYEQAAAGSGYIPEAPRDGQAYVRKDGEWVLLSTFLGSSGRENLYFQGGGGSGLNDIFEAQKIEWHEGHHHHHH
;
A
2 'polypeptide(L)'
;MDPKGSLSWRILLFLSLAFELSYGLEEVQLVESGGGVVQPGTSPRLSCAASGFTFSNSGMHWVRQAPGKGLEWVAVIWYD
GSKKYYVDSVKGRFTISRDNSKNTLYLQMNSLRAEDTAVYYCARDGTVAVRGVMNPFFDYWGQGTLVTVSSASTKGPSVF
PLAPSSKSTSGGTAALGCLVKDYFPEPVTVSWNSGALTSGVHTFPAVLQSSGLYSLSSVVTVPSSSLGTQTYICNVNHKP
SNTKVDKKVEPKSCENLYFQGHHHHHH
;
H
3 'polypeptide(L)'
;MDPKGSLSWRILLFLSLAFELSYGLEDIQLTQSPSSLSASVGDRVTITCQASQDISNYLNWYQQIPGKAPKLLIYDASNL
ETGVPSRFSGSGSGTDFTFTISSLQPEDIATYYCQQYDNLPYTFGQGTKLEIKRTVAAPSVFIFPPSDEQLKSGTASVVC
LLNNFYPREAKVQWKVDNALQSGNSQESVTEQDSKDSTYSLSSTLTLSKADYEKHKVYACEVTHQGLSSPVTKSFNRGEC
;
L
#
loop_
_chem_comp.id
_chem_comp.type
_chem_comp.name
_chem_comp.formula
NAG D-saccharide, beta linking 2-acetamido-2-deoxy-beta-D-glucopyranose 'C8 H15 N O6'
#
# COMPACT_ATOMS: atom_id res chain seq x y z
N ASN A 334 -41.72 -12.18 10.40
CA ASN A 334 -40.55 -11.99 11.25
C ASN A 334 -39.66 -10.88 10.71
N LEU A 335 -39.24 -11.01 9.45
CA LEU A 335 -38.45 -10.00 8.77
C LEU A 335 -37.21 -9.64 9.58
N CYS A 336 -36.32 -10.62 9.70
CA CYS A 336 -35.10 -10.42 10.48
C CYS A 336 -34.34 -9.21 9.93
N PRO A 337 -33.96 -8.27 10.80
CA PRO A 337 -33.32 -7.04 10.30
C PRO A 337 -31.89 -7.28 9.87
N PHE A 338 -31.45 -6.46 8.92
CA PHE A 338 -30.04 -6.37 8.55
C PHE A 338 -29.37 -5.15 9.16
N GLY A 339 -30.11 -4.35 9.93
CA GLY A 339 -29.52 -3.20 10.58
C GLY A 339 -28.59 -3.55 11.72
N GLU A 340 -28.75 -4.73 12.31
CA GLU A 340 -27.85 -5.16 13.37
C GLU A 340 -26.42 -5.28 12.86
N VAL A 341 -26.24 -5.55 11.57
CA VAL A 341 -24.91 -5.64 10.97
C VAL A 341 -24.62 -4.49 10.02
N PHE A 342 -25.63 -3.68 9.68
CA PHE A 342 -25.45 -2.57 8.75
C PHE A 342 -25.30 -1.23 9.44
N ASN A 343 -26.21 -0.91 10.36
CA ASN A 343 -26.25 0.40 10.99
C ASN A 343 -25.67 0.41 12.41
N ALA A 344 -25.04 -0.69 12.83
CA ALA A 344 -24.35 -0.68 14.11
C ALA A 344 -23.14 0.25 14.02
N THR A 345 -22.92 1.01 15.10
CA THR A 345 -21.87 2.03 15.10
C THR A 345 -20.47 1.44 15.26
N ARG A 346 -20.35 0.17 15.64
CA ARG A 346 -19.07 -0.47 15.86
C ARG A 346 -18.76 -1.44 14.73
N PHE A 347 -17.47 -1.60 14.44
CA PHE A 347 -17.03 -2.51 13.39
C PHE A 347 -15.65 -3.03 13.73
N ALA A 348 -15.51 -4.35 13.86
CA ALA A 348 -14.19 -4.95 13.99
C ALA A 348 -13.36 -4.60 12.76
N SER A 349 -12.09 -4.26 12.98
CA SER A 349 -11.34 -3.57 11.94
C SER A 349 -11.18 -4.40 10.66
N VAL A 350 -10.36 -5.44 10.69
CA VAL A 350 -10.24 -6.32 9.53
C VAL A 350 -10.16 -7.79 9.93
N TYR A 351 -9.83 -8.06 11.19
CA TYR A 351 -9.52 -9.42 11.62
C TYR A 351 -10.42 -9.93 12.73
N ALA A 352 -10.88 -9.07 13.63
CA ALA A 352 -11.87 -9.45 14.62
C ALA A 352 -13.28 -9.47 14.04
N TRP A 353 -13.40 -9.47 12.71
CA TRP A 353 -14.69 -9.37 12.04
C TRP A 353 -15.71 -10.33 12.65
N ASN A 354 -16.87 -9.77 13.00
CA ASN A 354 -17.95 -10.57 13.57
C ASN A 354 -18.48 -11.55 12.53
N ARG A 355 -18.92 -12.71 13.01
CA ARG A 355 -19.53 -13.75 12.19
C ARG A 355 -20.92 -14.02 12.76
N LYS A 356 -21.91 -13.24 12.29
CA LYS A 356 -23.26 -13.33 12.78
C LYS A 356 -24.09 -14.18 11.81
N ARG A 357 -24.70 -15.24 12.34
CA ARG A 357 -25.54 -16.13 11.55
C ARG A 357 -27.01 -15.84 11.83
N ILE A 358 -27.82 -15.90 10.78
CA ILE A 358 -29.24 -15.62 10.89
C ILE A 358 -30.03 -16.86 10.51
N SER A 359 -31.17 -17.06 11.17
CA SER A 359 -31.99 -18.23 10.93
C SER A 359 -33.43 -17.92 11.31
N ASN A 360 -34.34 -18.70 10.74
CA ASN A 360 -35.77 -18.60 11.05
C ASN A 360 -36.28 -17.18 10.79
N CYS A 361 -36.24 -16.78 9.52
CA CYS A 361 -36.69 -15.45 9.13
C CYS A 361 -36.73 -15.38 7.60
N VAL A 362 -37.21 -14.25 7.11
CA VAL A 362 -37.23 -13.95 5.68
C VAL A 362 -36.46 -12.65 5.48
N ALA A 363 -35.29 -12.74 4.83
CA ALA A 363 -34.49 -11.54 4.62
C ALA A 363 -35.20 -10.54 3.73
N ASP A 364 -35.83 -11.01 2.65
CA ASP A 364 -36.56 -10.25 1.65
C ASP A 364 -35.61 -9.51 0.71
N TYR A 365 -34.32 -9.42 1.02
CA TYR A 365 -33.30 -8.92 0.12
C TYR A 365 -33.77 -7.69 -0.67
N SER A 366 -34.58 -6.85 -0.05
CA SER A 366 -35.17 -5.71 -0.75
C SER A 366 -34.30 -4.46 -0.61
N VAL A 367 -34.05 -4.01 0.62
CA VAL A 367 -33.24 -2.82 0.82
C VAL A 367 -31.83 -3.03 0.29
N LEU A 368 -31.37 -4.28 0.24
CA LEU A 368 -30.03 -4.55 -0.26
C LEU A 368 -29.88 -4.11 -1.72
N TYR A 369 -30.92 -4.33 -2.53
CA TYR A 369 -30.84 -4.03 -3.95
C TYR A 369 -31.30 -2.61 -4.27
N ASN A 370 -32.38 -2.15 -3.64
CA ASN A 370 -32.96 -0.86 -4.00
C ASN A 370 -32.01 0.29 -3.69
N SER A 371 -31.29 0.21 -2.56
CA SER A 371 -30.47 1.33 -2.12
C SER A 371 -29.47 1.73 -3.19
N ALA A 372 -29.40 3.03 -3.47
CA ALA A 372 -28.50 3.56 -4.48
C ALA A 372 -27.17 4.03 -3.91
N SER A 373 -26.99 3.96 -2.59
CA SER A 373 -25.76 4.42 -1.96
C SER A 373 -24.67 3.34 -1.93
N PHE A 374 -24.97 2.14 -2.41
CA PHE A 374 -24.01 1.04 -2.34
C PHE A 374 -22.92 1.25 -3.40
N SER A 375 -21.68 1.45 -2.93
CA SER A 375 -20.58 1.66 -3.86
C SER A 375 -20.36 0.43 -4.73
N THR A 376 -20.38 -0.76 -4.13
CA THR A 376 -20.18 -2.00 -4.87
C THR A 376 -21.18 -3.04 -4.40
N PHE A 377 -21.77 -3.75 -5.35
CA PHE A 377 -22.77 -4.79 -5.07
C PHE A 377 -22.44 -5.94 -6.03
N LYS A 378 -21.63 -6.89 -5.58
CA LYS A 378 -21.13 -7.95 -6.45
C LYS A 378 -21.58 -9.30 -5.91
N CYS A 379 -22.26 -10.07 -6.75
CA CYS A 379 -22.72 -11.40 -6.40
C CYS A 379 -22.15 -12.44 -7.36
N TYR A 380 -21.88 -13.62 -6.82
CA TYR A 380 -21.33 -14.73 -7.58
C TYR A 380 -22.23 -15.94 -7.40
N GLY A 381 -22.58 -16.58 -8.52
CA GLY A 381 -23.51 -17.69 -8.49
C GLY A 381 -24.94 -17.23 -8.65
N VAL A 382 -25.66 -17.09 -7.54
CA VAL A 382 -27.04 -16.66 -7.60
C VAL A 382 -27.12 -15.24 -8.15
N SER A 383 -28.02 -15.03 -9.10
CA SER A 383 -28.17 -13.71 -9.69
C SER A 383 -28.79 -12.74 -8.69
N PRO A 384 -28.52 -11.44 -8.81
CA PRO A 384 -29.05 -10.50 -7.81
C PRO A 384 -30.56 -10.51 -7.68
N THR A 385 -31.28 -10.73 -8.78
CA THR A 385 -32.74 -10.62 -8.74
C THR A 385 -33.40 -11.82 -8.09
N LYS A 386 -32.77 -12.99 -8.16
CA LYS A 386 -33.42 -14.24 -7.78
C LYS A 386 -33.13 -14.67 -6.34
N LEU A 387 -32.44 -13.84 -5.55
CA LEU A 387 -32.12 -14.24 -4.19
C LEU A 387 -33.37 -14.66 -3.42
N ASN A 388 -34.45 -13.90 -3.56
CA ASN A 388 -35.66 -14.18 -2.80
C ASN A 388 -36.27 -15.52 -3.15
N ASP A 389 -35.92 -16.09 -4.30
CA ASP A 389 -36.53 -17.34 -4.75
C ASP A 389 -35.77 -18.58 -4.29
N LEU A 390 -34.67 -18.42 -3.57
CA LEU A 390 -33.87 -19.54 -3.09
C LEU A 390 -33.99 -19.63 -1.57
N CYS A 391 -34.34 -20.82 -1.08
CA CYS A 391 -34.55 -21.05 0.35
C CYS A 391 -33.38 -21.88 0.86
N PHE A 392 -32.41 -21.19 1.46
CA PHE A 392 -31.25 -21.83 2.05
C PHE A 392 -31.57 -22.22 3.49
N THR A 393 -30.54 -22.66 4.22
CA THR A 393 -30.69 -22.98 5.64
C THR A 393 -29.84 -22.12 6.56
N ASN A 394 -28.64 -21.69 6.12
CA ASN A 394 -27.78 -20.86 6.95
C ASN A 394 -27.29 -19.67 6.16
N VAL A 395 -27.29 -18.50 6.79
CA VAL A 395 -26.78 -17.27 6.17
C VAL A 395 -25.87 -16.57 7.17
N TYR A 396 -24.61 -16.36 6.77
CA TYR A 396 -23.63 -15.64 7.56
C TYR A 396 -23.47 -14.22 7.01
N ALA A 397 -23.28 -13.27 7.91
CA ALA A 397 -23.12 -11.85 7.55
C ALA A 397 -21.84 -11.33 8.19
N ASP A 398 -20.71 -11.50 7.50
CA ASP A 398 -19.45 -10.94 7.95
C ASP A 398 -19.44 -9.43 7.71
N SER A 399 -18.78 -8.70 8.60
CA SER A 399 -18.74 -7.24 8.50
C SER A 399 -17.37 -6.74 8.92
N PHE A 400 -16.88 -5.70 8.24
CA PHE A 400 -15.62 -5.07 8.61
C PHE A 400 -15.44 -3.82 7.75
N VAL A 401 -14.28 -3.17 7.89
CA VAL A 401 -13.91 -2.03 7.05
C VAL A 401 -12.48 -2.24 6.57
N ILE A 402 -12.18 -1.64 5.41
CA ILE A 402 -10.90 -1.84 4.75
C ILE A 402 -10.59 -0.60 3.92
N ARG A 403 -9.34 -0.49 3.48
CA ARG A 403 -8.91 0.61 2.62
C ARG A 403 -9.80 0.69 1.38
N GLY A 404 -10.22 1.91 1.03
CA GLY A 404 -11.17 2.07 -0.05
C GLY A 404 -10.67 1.53 -1.38
N ASP A 405 -9.39 1.81 -1.69
CA ASP A 405 -8.84 1.38 -2.97
C ASP A 405 -8.85 -0.15 -3.09
N GLU A 406 -8.53 -0.84 -2.00
CA GLU A 406 -8.33 -2.28 -2.01
C GLU A 406 -9.61 -3.08 -1.80
N VAL A 407 -10.78 -2.44 -1.93
CA VAL A 407 -12.03 -3.17 -1.75
C VAL A 407 -12.12 -4.33 -2.75
N ARG A 408 -11.52 -4.18 -3.92
CA ARG A 408 -11.58 -5.25 -4.91
C ARG A 408 -10.97 -6.55 -4.41
N GLN A 409 -10.09 -6.49 -3.42
CA GLN A 409 -9.43 -7.70 -2.93
C GLN A 409 -10.41 -8.65 -2.24
N ILE A 410 -11.60 -8.20 -1.89
CA ILE A 410 -12.60 -9.09 -1.27
C ILE A 410 -13.38 -9.71 -2.41
N ALA A 411 -12.82 -10.78 -2.97
CA ALA A 411 -13.47 -11.51 -4.06
C ALA A 411 -12.83 -12.89 -4.15
N PRO A 412 -13.55 -13.88 -4.70
CA PRO A 412 -12.97 -15.22 -4.79
C PRO A 412 -11.70 -15.23 -5.62
N GLY A 413 -10.72 -16.02 -5.17
CA GLY A 413 -9.50 -16.22 -5.92
C GLY A 413 -8.77 -14.93 -6.24
N GLN A 414 -8.63 -14.05 -5.24
CA GLN A 414 -7.94 -12.78 -5.41
C GLN A 414 -6.91 -12.65 -4.31
N THR A 415 -5.63 -12.66 -4.69
CA THR A 415 -4.54 -12.61 -3.73
C THR A 415 -4.00 -11.18 -3.63
N GLY A 416 -3.42 -10.88 -2.47
CA GLY A 416 -2.87 -9.56 -2.21
C GLY A 416 -2.33 -9.46 -0.79
N LYS A 417 -2.63 -8.36 -0.11
CA LYS A 417 -2.20 -8.16 1.27
C LYS A 417 -3.36 -8.25 2.27
N ILE A 418 -4.56 -8.60 1.81
CA ILE A 418 -5.70 -8.85 2.69
C ILE A 418 -6.12 -10.31 2.62
N ALA A 419 -6.53 -10.77 1.44
CA ALA A 419 -6.96 -12.15 1.31
C ALA A 419 -5.87 -13.13 1.68
N ASP A 420 -4.60 -12.74 1.56
CA ASP A 420 -3.50 -13.66 1.79
C ASP A 420 -3.03 -13.68 3.24
N TYR A 421 -3.52 -12.77 4.09
CA TYR A 421 -2.99 -12.70 5.45
C TYR A 421 -4.06 -12.70 6.53
N ASN A 422 -5.20 -12.05 6.31
CA ASN A 422 -6.17 -11.84 7.40
C ASN A 422 -7.59 -12.28 7.09
N TYR A 423 -8.05 -12.25 5.84
CA TYR A 423 -9.42 -12.68 5.53
C TYR A 423 -9.48 -13.13 4.08
N LYS A 424 -9.46 -14.44 3.86
CA LYS A 424 -9.54 -15.03 2.54
C LYS A 424 -10.94 -15.61 2.30
N LEU A 425 -11.35 -15.60 1.04
CA LEU A 425 -12.62 -16.19 0.66
C LEU A 425 -12.38 -17.46 -0.15
N PRO A 426 -13.27 -18.45 -0.04
CA PRO A 426 -13.08 -19.68 -0.81
C PRO A 426 -13.17 -19.41 -2.31
N ASP A 427 -12.44 -20.20 -3.08
CA ASP A 427 -12.46 -20.04 -4.54
C ASP A 427 -13.86 -20.29 -5.09
N ASP A 428 -14.53 -21.33 -4.59
CA ASP A 428 -15.89 -21.66 -5.03
C ASP A 428 -16.91 -21.00 -4.10
N PHE A 429 -16.86 -19.67 -4.06
CA PHE A 429 -17.75 -18.90 -3.21
C PHE A 429 -19.16 -18.86 -3.81
N THR A 430 -20.15 -18.77 -2.93
CA THR A 430 -21.56 -18.77 -3.33
C THR A 430 -22.33 -17.70 -2.56
N GLY A 431 -21.80 -16.48 -2.54
CA GLY A 431 -22.47 -15.40 -1.84
C GLY A 431 -22.36 -14.05 -2.52
N CYS A 432 -22.57 -12.98 -1.74
CA CYS A 432 -22.52 -11.61 -2.24
C CYS A 432 -21.62 -10.77 -1.35
N VAL A 433 -21.11 -9.68 -1.91
CA VAL A 433 -20.28 -8.73 -1.21
C VAL A 433 -20.81 -7.33 -1.48
N ILE A 434 -20.95 -6.52 -0.43
CA ILE A 434 -21.49 -5.17 -0.51
C ILE A 434 -20.47 -4.24 0.11
N ALA A 435 -20.19 -3.13 -0.56
CA ALA A 435 -19.21 -2.15 -0.09
C ALA A 435 -19.81 -0.75 -0.15
N TRP A 436 -19.75 -0.04 0.96
CA TRP A 436 -20.21 1.34 1.07
C TRP A 436 -19.02 2.27 1.21
N ASN A 437 -19.18 3.48 0.70
CA ASN A 437 -18.25 4.57 0.97
C ASN A 437 -18.78 5.36 2.15
N SER A 438 -18.04 5.34 3.27
CA SER A 438 -18.48 5.95 4.53
C SER A 438 -17.35 6.81 5.08
N ASN A 439 -17.34 8.08 4.69
CA ASN A 439 -16.33 9.02 5.16
C ASN A 439 -16.78 9.82 6.38
N ASN A 440 -18.04 10.25 6.41
CA ASN A 440 -18.52 11.10 7.49
C ASN A 440 -18.56 10.39 8.83
N LEU A 441 -18.51 9.05 8.84
CA LEU A 441 -18.74 8.28 10.05
C LEU A 441 -17.47 7.72 10.67
N ASP A 442 -16.33 7.75 9.95
CA ASP A 442 -15.11 7.13 10.47
C ASP A 442 -13.90 8.06 10.34
N SER A 443 -13.92 8.95 9.36
CA SER A 443 -12.78 9.84 9.11
C SER A 443 -12.97 11.11 9.94
N LYS A 444 -12.37 11.13 11.12
CA LYS A 444 -12.46 12.30 11.98
C LYS A 444 -11.57 13.42 11.44
N VAL A 445 -11.93 14.66 11.79
CA VAL A 445 -11.21 15.82 11.29
C VAL A 445 -9.76 15.77 11.75
N GLY A 446 -9.51 15.42 13.00
CA GLY A 446 -8.16 15.32 13.51
C GLY A 446 -7.43 14.05 13.15
N GLY A 447 -8.13 13.08 12.59
CA GLY A 447 -7.53 11.81 12.20
C GLY A 447 -7.99 10.70 13.12
N ASN A 448 -8.17 9.51 12.55
CA ASN A 448 -8.57 8.32 13.28
C ASN A 448 -7.53 7.23 13.10
N TYR A 449 -7.04 6.70 14.23
CA TYR A 449 -6.09 5.60 14.22
C TYR A 449 -6.65 4.39 14.97
N ASN A 450 -7.97 4.34 15.16
CA ASN A 450 -8.57 3.30 15.99
C ASN A 450 -8.58 1.95 15.29
N TYR A 451 -8.75 1.94 13.98
CA TYR A 451 -8.99 0.68 13.27
C TYR A 451 -7.67 -0.01 12.94
N LEU A 452 -7.57 -1.28 13.31
CA LEU A 452 -6.34 -2.05 13.15
C LEU A 452 -6.33 -2.79 11.81
N TYR A 453 -5.14 -3.30 11.47
CA TYR A 453 -4.91 -3.86 10.16
C TYR A 453 -3.75 -4.84 10.24
N ARG A 454 -3.96 -6.07 9.77
CA ARG A 454 -2.95 -7.12 9.84
C ARG A 454 -2.07 -7.07 8.60
N LEU A 455 -0.76 -7.19 8.81
CA LEU A 455 0.20 -7.04 7.71
C LEU A 455 1.18 -8.21 7.65
N PHE A 456 1.59 -8.72 8.80
CA PHE A 456 2.65 -9.72 8.88
C PHE A 456 2.12 -11.03 9.43
N ARG A 457 2.57 -12.14 8.85
CA ARG A 457 2.19 -13.47 9.31
C ARG A 457 3.23 -14.46 8.81
N LYS A 458 3.29 -15.62 9.47
CA LYS A 458 4.24 -16.66 9.08
C LYS A 458 3.79 -17.37 7.82
N SER A 459 2.62 -18.00 7.86
CA SER A 459 2.10 -18.80 6.76
C SER A 459 0.84 -18.16 6.19
N ASN A 460 0.51 -18.57 4.97
CA ASN A 460 -0.68 -18.06 4.32
C ASN A 460 -1.93 -18.43 5.12
N LEU A 461 -3.05 -17.82 4.76
CA LEU A 461 -4.29 -17.96 5.49
C LEU A 461 -5.27 -18.83 4.69
N LYS A 462 -5.97 -19.74 5.42
CA LYS A 462 -6.96 -20.64 4.83
C LYS A 462 -8.35 -20.02 4.88
N PRO A 463 -9.25 -20.41 3.97
CA PRO A 463 -10.53 -19.71 3.87
C PRO A 463 -11.34 -19.77 5.16
N PHE A 464 -12.01 -18.67 5.47
CA PHE A 464 -13.00 -18.59 6.55
C PHE A 464 -12.40 -19.02 7.89
N GLU A 465 -11.46 -18.20 8.36
CA GLU A 465 -10.86 -18.44 9.67
C GLU A 465 -10.49 -17.11 10.30
N ARG A 466 -10.62 -17.05 11.62
CA ARG A 466 -10.34 -15.85 12.41
C ARG A 466 -8.95 -15.99 13.01
N ASP A 467 -8.16 -14.92 12.91
CA ASP A 467 -6.74 -14.94 13.31
C ASP A 467 -6.44 -13.82 14.31
N ILE A 468 -7.29 -13.68 15.32
CA ILE A 468 -6.98 -12.75 16.40
C ILE A 468 -5.65 -13.15 17.03
N SER A 469 -4.66 -12.28 16.95
CA SER A 469 -3.32 -12.62 17.41
C SER A 469 -2.58 -11.35 17.79
N THR A 470 -1.59 -11.51 18.67
CA THR A 470 -0.74 -10.40 19.10
C THR A 470 0.73 -10.75 19.16
N GLU A 471 1.11 -12.02 19.03
CA GLU A 471 2.52 -12.39 19.12
C GLU A 471 3.35 -11.62 18.10
N ILE A 472 4.50 -11.11 18.57
CA ILE A 472 5.36 -10.30 17.73
C ILE A 472 5.90 -11.14 16.58
N TYR A 473 6.07 -10.51 15.41
CA TYR A 473 6.59 -11.22 14.26
C TYR A 473 8.04 -11.65 14.51
N GLN A 474 8.41 -12.79 13.95
CA GLN A 474 9.69 -13.43 14.21
C GLN A 474 10.29 -13.82 12.86
N ALA A 475 11.26 -13.03 12.39
CA ALA A 475 11.76 -13.21 11.02
C ALA A 475 12.41 -14.57 10.81
N GLY A 476 12.81 -15.26 11.87
CA GLY A 476 13.48 -16.54 11.74
C GLY A 476 14.87 -16.53 12.36
N SER A 477 15.90 -16.63 11.53
CA SER A 477 17.26 -16.58 12.03
C SER A 477 17.46 -15.34 12.88
N THR A 478 18.08 -15.52 14.05
CA THR A 478 18.13 -14.46 15.04
C THR A 478 16.71 -14.08 15.42
N PRO A 479 15.93 -15.01 15.97
CA PRO A 479 14.50 -14.77 16.21
C PRO A 479 14.21 -13.84 17.38
N CYS A 480 15.21 -13.20 17.95
CA CYS A 480 15.07 -12.26 19.06
C CYS A 480 14.19 -12.93 20.13
N ASN A 481 13.32 -12.15 20.76
CA ASN A 481 12.34 -12.62 21.72
C ASN A 481 11.14 -11.69 21.61
N GLY A 482 10.29 -11.68 22.64
CA GLY A 482 9.15 -10.79 22.61
C GLY A 482 9.56 -9.34 22.78
N VAL A 483 10.32 -8.84 21.81
CA VAL A 483 10.82 -7.46 21.83
C VAL A 483 10.87 -6.97 20.39
N GLU A 484 10.99 -5.64 20.24
CA GLU A 484 11.08 -5.01 18.93
C GLU A 484 12.54 -4.82 18.57
N GLY A 485 12.91 -5.25 17.37
CA GLY A 485 14.30 -5.15 16.92
C GLY A 485 14.43 -5.02 15.41
N PHE A 486 15.64 -5.24 14.90
CA PHE A 486 15.87 -5.11 13.47
C PHE A 486 15.03 -6.10 12.67
N ASN A 487 14.97 -7.35 13.15
CA ASN A 487 14.25 -8.40 12.43
C ASN A 487 12.85 -8.65 12.97
N CYS A 488 12.48 -8.06 14.09
CA CYS A 488 11.27 -8.41 14.83
C CYS A 488 10.34 -7.20 14.85
N TYR A 489 9.10 -7.41 14.39
CA TYR A 489 8.13 -6.33 14.22
C TYR A 489 6.78 -6.74 14.76
N PHE A 490 5.98 -5.75 15.15
CA PHE A 490 4.63 -5.98 15.63
C PHE A 490 3.69 -6.15 14.44
N PRO A 491 3.04 -7.31 14.25
CA PRO A 491 2.28 -7.54 13.02
C PRO A 491 0.93 -6.85 13.00
N LEU A 492 0.87 -5.58 13.42
CA LEU A 492 -0.35 -4.80 13.37
C LEU A 492 -0.02 -3.41 12.89
N GLN A 493 -1.03 -2.72 12.35
CA GLN A 493 -0.88 -1.34 11.92
C GLN A 493 -2.22 -0.64 12.05
N SER A 494 -2.18 0.68 11.99
CA SER A 494 -3.38 1.50 12.00
C SER A 494 -3.50 2.20 10.66
N TYR A 495 -4.73 2.29 10.14
CA TYR A 495 -4.91 2.92 8.83
C TYR A 495 -4.56 4.40 8.87
N GLY A 496 -4.97 5.11 9.93
CA GLY A 496 -4.72 6.53 9.99
C GLY A 496 -5.57 7.30 8.99
N PHE A 497 -6.89 7.30 9.21
CA PHE A 497 -7.81 7.91 8.26
C PHE A 497 -7.87 9.41 8.47
N GLN A 498 -7.96 10.16 7.37
CA GLN A 498 -8.16 11.59 7.39
C GLN A 498 -9.25 11.99 6.41
N PRO A 499 -9.89 13.14 6.61
CA PRO A 499 -11.01 13.51 5.71
C PRO A 499 -10.62 13.65 4.26
N THR A 500 -9.39 14.11 3.98
CA THR A 500 -8.99 14.49 2.62
C THR A 500 -7.87 13.61 2.08
N ASN A 501 -7.97 12.29 2.30
CA ASN A 501 -6.98 11.39 1.74
C ASN A 501 -7.23 11.15 0.24
N GLY A 502 -8.50 11.07 -0.15
CA GLY A 502 -8.88 10.78 -1.51
C GLY A 502 -9.80 9.58 -1.58
N VAL A 503 -10.21 9.27 -2.81
CA VAL A 503 -11.12 8.14 -3.01
C VAL A 503 -10.54 6.87 -2.40
N GLY A 504 -9.26 6.61 -2.65
CA GLY A 504 -8.58 5.54 -1.98
C GLY A 504 -8.08 5.95 -0.61
N TYR A 505 -7.61 4.97 0.15
CA TYR A 505 -7.01 5.23 1.46
C TYR A 505 -8.02 5.82 2.43
N GLN A 506 -9.31 5.74 2.12
CA GLN A 506 -10.33 6.28 2.99
C GLN A 506 -11.38 5.21 3.29
N PRO A 507 -12.05 5.32 4.43
CA PRO A 507 -12.89 4.23 4.90
C PRO A 507 -13.84 3.69 3.83
N TYR A 508 -13.96 2.38 3.81
CA TYR A 508 -15.09 1.69 3.19
C TYR A 508 -15.65 0.66 4.18
N ARG A 509 -16.92 0.34 4.02
CA ARG A 509 -17.60 -0.59 4.92
C ARG A 509 -18.04 -1.78 4.10
N VAL A 510 -17.48 -2.96 4.39
CA VAL A 510 -17.68 -4.16 3.61
C VAL A 510 -18.48 -5.16 4.43
N VAL A 511 -19.56 -5.67 3.84
CA VAL A 511 -20.36 -6.74 4.43
C VAL A 511 -20.47 -7.86 3.43
N VAL A 512 -20.16 -9.08 3.86
CA VAL A 512 -20.16 -10.26 3.00
C VAL A 512 -21.27 -11.18 3.48
N LEU A 513 -22.21 -11.47 2.59
CA LEU A 513 -23.30 -12.40 2.87
C LEU A 513 -22.97 -13.73 2.24
N SER A 514 -22.96 -14.79 3.04
CA SER A 514 -22.65 -16.14 2.59
C SER A 514 -23.84 -17.05 2.87
N PHE A 515 -24.24 -17.81 1.85
CA PHE A 515 -25.35 -18.73 1.95
C PHE A 515 -24.83 -20.16 1.96
N GLU A 516 -25.38 -20.98 2.86
CA GLU A 516 -25.01 -22.39 2.95
C GLU A 516 -26.29 -23.22 3.07
N LEU A 517 -26.32 -24.32 2.33
CA LEU A 517 -27.42 -25.28 2.36
C LEU A 517 -26.92 -26.58 2.98
N LEU A 518 -27.71 -27.14 3.88
CA LEU A 518 -27.34 -28.34 4.62
C LEU A 518 -28.52 -29.31 4.61
N HIS A 519 -28.27 -30.54 5.04
CA HIS A 519 -29.34 -31.53 5.13
C HIS A 519 -30.46 -31.08 6.06
N ALA A 520 -30.18 -30.14 6.95
CA ALA A 520 -31.22 -29.57 7.78
C ALA A 520 -32.21 -28.76 6.92
N PRO A 521 -33.45 -28.61 7.37
CA PRO A 521 -34.44 -27.92 6.53
C PRO A 521 -34.04 -26.48 6.23
N ALA A 522 -34.36 -26.04 5.01
CA ALA A 522 -34.11 -24.67 4.62
C ALA A 522 -35.11 -23.74 5.32
N THR A 523 -34.63 -22.58 5.74
CA THR A 523 -35.47 -21.65 6.48
C THR A 523 -35.42 -20.22 5.97
N VAL A 524 -34.31 -19.79 5.37
CA VAL A 524 -34.12 -18.37 5.04
C VAL A 524 -34.44 -18.10 3.58
N CYS A 525 -35.54 -17.40 3.33
CA CYS A 525 -35.89 -16.90 2.00
C CYS A 525 -37.07 -15.93 2.08
N GLY A 526 -37.33 -15.29 0.95
CA GLY A 526 -38.18 -14.12 0.89
C GLY A 526 -39.66 -14.45 0.96
N PRO A 527 -40.50 -13.45 0.63
CA PRO A 527 -41.96 -13.55 0.72
C PRO A 527 -42.53 -14.85 0.17
N GLU B 27 -1.39 21.78 -2.67
CA GLU B 27 -0.43 22.79 -2.13
C GLU B 27 0.64 22.10 -1.29
N VAL B 28 1.25 21.05 -1.85
CA VAL B 28 2.25 20.25 -1.16
C VAL B 28 3.54 20.31 -1.95
N GLN B 29 4.64 20.61 -1.27
CA GLN B 29 5.96 20.59 -1.88
C GLN B 29 7.00 20.41 -0.79
N LEU B 30 8.21 20.06 -1.22
CA LEU B 30 9.31 19.71 -0.32
C LEU B 30 10.59 20.37 -0.82
N VAL B 31 11.35 20.95 0.10
CA VAL B 31 12.54 21.73 -0.24
C VAL B 31 13.74 21.12 0.44
N GLU B 32 14.78 20.82 -0.33
CA GLU B 32 16.03 20.26 0.18
C GLU B 32 17.15 21.28 0.04
N SER B 33 18.21 21.07 0.83
CA SER B 33 19.38 21.95 0.77
C SER B 33 20.45 21.34 1.67
N GLY B 34 21.63 21.97 1.68
CA GLY B 34 22.71 21.54 2.53
C GLY B 34 23.70 20.62 1.85
N GLY B 35 24.17 21.01 0.65
CA GLY B 35 25.12 20.22 -0.09
C GLY B 35 25.99 21.09 -0.96
N GLY B 36 26.81 20.43 -1.79
CA GLY B 36 27.74 21.12 -2.65
C GLY B 36 29.13 20.55 -2.56
N VAL B 37 30.14 21.42 -2.66
CA VAL B 37 31.52 20.97 -2.49
C VAL B 37 31.72 20.56 -1.04
N VAL B 38 32.02 19.29 -0.82
CA VAL B 38 32.19 18.73 0.51
C VAL B 38 33.54 18.01 0.55
N GLN B 39 34.41 18.42 1.46
CA GLN B 39 35.72 17.78 1.57
C GLN B 39 35.60 16.50 2.38
N PRO B 40 36.47 15.51 2.11
CA PRO B 40 36.45 14.29 2.92
C PRO B 40 36.71 14.59 4.39
N GLY B 41 36.05 13.84 5.27
CA GLY B 41 36.20 14.00 6.69
C GLY B 41 35.25 15.01 7.32
N THR B 42 34.43 15.68 6.54
CA THR B 42 33.47 16.65 7.05
C THR B 42 32.09 16.02 7.18
N SER B 43 31.22 16.69 7.94
CA SER B 43 29.87 16.22 8.21
C SER B 43 28.88 17.35 7.94
N PRO B 44 28.64 17.67 6.67
CA PRO B 44 27.68 18.73 6.36
C PRO B 44 26.27 18.32 6.72
N ARG B 45 25.43 19.31 6.98
CA ARG B 45 24.04 19.09 7.35
C ARG B 45 23.19 19.11 6.09
N LEU B 46 22.67 17.94 5.71
CA LEU B 46 21.74 17.83 4.59
C LEU B 46 20.32 17.93 5.16
N SER B 47 19.64 19.04 4.90
CA SER B 47 18.39 19.36 5.55
C SER B 47 17.29 19.54 4.51
N CYS B 48 16.13 18.93 4.75
CA CYS B 48 14.98 19.20 3.90
C CYS B 48 13.73 19.35 4.76
N ALA B 49 12.83 20.23 4.29
CA ALA B 49 11.63 20.61 5.01
C ALA B 49 10.42 20.51 4.09
N ALA B 50 9.24 20.52 4.70
CA ALA B 50 7.97 20.36 4.00
C ALA B 50 7.22 21.69 3.92
N SER B 51 6.30 21.76 2.96
CA SER B 51 5.50 22.96 2.77
C SER B 51 4.38 23.05 3.80
N GLY B 52 3.46 22.09 3.79
CA GLY B 52 2.46 22.01 4.84
C GLY B 52 1.61 20.76 4.81
N PHE B 53 1.57 20.07 5.96
CA PHE B 53 0.64 18.98 6.20
C PHE B 53 0.84 18.49 7.63
N THR B 54 0.18 17.40 8.02
CA THR B 54 0.42 16.82 9.33
C THR B 54 1.78 16.13 9.33
N PHE B 55 2.84 16.95 9.35
CA PHE B 55 4.19 16.43 9.20
C PHE B 55 4.54 15.43 10.29
N SER B 56 4.18 15.75 11.55
CA SER B 56 4.57 14.90 12.66
C SER B 56 4.02 13.49 12.52
N ASN B 57 2.99 13.29 11.72
CA ASN B 57 2.36 11.99 11.55
C ASN B 57 2.79 11.29 10.27
N SER B 58 3.98 11.61 9.75
CA SER B 58 4.47 10.97 8.52
C SER B 58 5.99 11.08 8.51
N GLY B 59 6.67 9.95 8.71
CA GLY B 59 8.11 9.88 8.54
C GLY B 59 8.51 10.07 7.09
N MET B 60 9.71 9.63 6.71
CA MET B 60 10.14 9.78 5.32
C MET B 60 11.37 8.91 5.08
N HIS B 61 11.92 9.02 3.88
CA HIS B 61 13.10 8.26 3.48
C HIS B 61 13.99 9.15 2.64
N TRP B 62 15.27 8.76 2.54
CA TRP B 62 16.24 9.45 1.73
C TRP B 62 16.83 8.47 0.73
N VAL B 63 16.88 8.88 -0.54
CA VAL B 63 17.39 8.05 -1.62
C VAL B 63 18.55 8.78 -2.28
N ARG B 64 19.45 7.99 -2.87
CA ARG B 64 20.67 8.48 -3.47
C ARG B 64 20.69 8.13 -4.94
N GLN B 65 21.06 9.11 -5.77
CA GLN B 65 21.09 8.99 -7.22
C GLN B 65 22.55 9.05 -7.68
N ALA B 66 23.11 7.90 -8.03
CA ALA B 66 24.48 7.84 -8.52
C ALA B 66 24.65 8.83 -9.67
N PRO B 67 25.87 9.30 -9.93
CA PRO B 67 26.04 10.35 -10.95
C PRO B 67 25.43 10.01 -12.30
N GLY B 68 25.61 8.78 -12.76
CA GLY B 68 25.04 8.37 -14.02
C GLY B 68 24.59 6.93 -14.07
N LYS B 69 24.59 6.25 -12.92
CA LYS B 69 24.26 4.82 -12.88
C LYS B 69 22.79 4.59 -12.55
N GLY B 70 22.34 5.10 -11.40
CA GLY B 70 20.99 4.88 -10.92
C GLY B 70 20.82 5.40 -9.51
N LEU B 71 19.83 4.89 -8.78
CA LEU B 71 19.57 5.34 -7.42
C LEU B 71 19.19 4.16 -6.56
N GLU B 72 19.71 4.13 -5.32
CA GLU B 72 19.39 3.02 -4.42
C GLU B 72 18.66 3.46 -3.14
N TRP B 73 19.27 4.32 -2.32
CA TRP B 73 18.84 4.67 -0.96
C TRP B 73 19.82 5.63 -0.30
N VAL B 74 19.37 6.17 0.84
CA VAL B 74 20.25 6.65 1.90
C VAL B 74 19.86 6.01 3.22
N ALA B 75 18.64 6.28 3.70
CA ALA B 75 18.21 5.81 5.01
C ALA B 75 16.72 6.08 5.18
N VAL B 76 16.22 5.79 6.39
CA VAL B 76 14.79 5.82 6.71
C VAL B 76 14.60 6.61 8.01
N ILE B 77 13.42 7.23 8.15
CA ILE B 77 12.99 7.85 9.40
C ILE B 77 11.53 7.50 9.64
N TRP B 78 11.24 6.96 10.83
CA TRP B 78 9.95 6.37 11.14
C TRP B 78 8.98 7.42 11.69
N TYR B 79 7.85 6.96 12.22
CA TYR B 79 6.74 7.80 12.62
C TYR B 79 7.12 8.78 13.73
N ASP B 80 7.34 8.28 14.93
CA ASP B 80 7.78 9.11 16.05
C ASP B 80 9.27 8.91 16.33
N GLY B 81 10.09 9.22 15.32
CA GLY B 81 11.53 9.14 15.46
C GLY B 81 12.02 7.89 16.17
N SER B 82 11.23 6.82 16.12
CA SER B 82 11.56 5.62 16.88
C SER B 82 12.55 4.73 16.13
N LYS B 83 12.16 4.24 14.96
CA LYS B 83 12.99 3.32 14.20
C LYS B 83 13.95 4.11 13.30
N LYS B 84 15.20 3.66 13.27
CA LYS B 84 16.26 4.31 12.49
C LYS B 84 16.99 3.22 11.72
N TYR B 85 16.50 2.92 10.51
CA TYR B 85 17.09 1.91 9.64
C TYR B 85 17.97 2.57 8.60
N TYR B 86 19.01 1.85 8.19
CA TYR B 86 19.99 2.35 7.25
C TYR B 86 20.29 1.30 6.20
N VAL B 87 21.04 1.70 5.17
CA VAL B 87 21.47 0.79 4.14
C VAL B 87 22.55 -0.13 4.69
N ASP B 88 22.44 -1.43 4.40
CA ASP B 88 23.42 -2.38 4.91
C ASP B 88 24.83 -2.03 4.43
N SER B 89 24.96 -1.57 3.18
CA SER B 89 26.27 -1.27 2.63
C SER B 89 26.95 -0.14 3.39
N VAL B 90 26.18 0.78 3.96
CA VAL B 90 26.73 1.93 4.67
C VAL B 90 26.18 1.98 6.08
N LYS B 91 25.86 0.81 6.64
CA LYS B 91 25.32 0.75 7.99
C LYS B 91 26.32 1.29 8.99
N GLY B 92 25.81 2.05 9.97
CA GLY B 92 26.61 2.54 11.07
C GLY B 92 27.37 3.83 10.82
N ARG B 93 27.33 4.36 9.59
CA ARG B 93 28.02 5.60 9.26
C ARG B 93 27.11 6.81 9.37
N PHE B 94 26.04 6.84 8.57
CA PHE B 94 25.17 8.00 8.52
C PHE B 94 24.29 8.08 9.75
N THR B 95 24.03 9.30 10.21
CA THR B 95 23.07 9.57 11.26
C THR B 95 22.00 10.51 10.72
N ILE B 96 20.76 10.04 10.72
CA ILE B 96 19.62 10.77 10.19
C ILE B 96 18.65 11.02 11.34
N SER B 97 18.25 12.29 11.50
CA SER B 97 17.37 12.68 12.58
C SER B 97 16.32 13.64 12.03
N ARG B 98 15.29 13.88 12.84
CA ARG B 98 14.19 14.77 12.47
C ARG B 98 13.92 15.74 13.60
N ASP B 99 13.71 17.01 13.24
CA ASP B 99 13.27 18.04 14.17
C ASP B 99 11.79 18.27 13.92
N ASN B 100 10.96 17.68 14.78
CA ASN B 100 9.51 17.77 14.60
C ASN B 100 9.02 19.20 14.80
N SER B 101 9.59 19.92 15.77
CA SER B 101 9.15 21.30 16.01
C SER B 101 9.36 22.15 14.77
N LYS B 102 10.52 22.01 14.12
CA LYS B 102 10.81 22.72 12.88
C LYS B 102 10.27 22.00 11.65
N ASN B 103 9.69 20.80 11.83
CA ASN B 103 9.14 20.05 10.72
C ASN B 103 10.19 19.83 9.63
N THR B 104 11.39 19.48 10.05
CA THR B 104 12.52 19.34 9.14
C THR B 104 13.24 18.03 9.41
N LEU B 105 14.03 17.59 8.43
CA LEU B 105 14.84 16.39 8.55
C LEU B 105 16.29 16.74 8.26
N TYR B 106 17.19 16.29 9.13
CA TYR B 106 18.63 16.51 9.01
C TYR B 106 19.34 15.18 8.82
N LEU B 107 20.42 15.21 8.05
CA LEU B 107 21.28 14.06 7.84
C LEU B 107 22.72 14.52 7.92
N GLN B 108 23.54 13.83 8.72
CA GLN B 108 24.95 14.15 8.86
C GLN B 108 25.79 13.07 8.20
N MET B 109 27.05 13.41 7.93
CA MET B 109 27.98 12.53 7.23
C MET B 109 29.18 12.28 8.15
N ASN B 110 29.19 11.12 8.80
CA ASN B 110 30.30 10.78 9.69
C ASN B 110 31.61 10.66 8.92
N SER B 111 31.58 10.04 7.74
CA SER B 111 32.78 9.86 6.93
C SER B 111 32.35 9.70 5.47
N LEU B 112 33.33 9.82 4.57
CA LEU B 112 33.08 9.83 3.14
C LEU B 112 34.03 8.90 2.43
N ARG B 113 33.57 8.36 1.29
CA ARG B 113 34.44 7.68 0.34
C ARG B 113 34.27 8.31 -1.04
N ALA B 114 34.83 7.68 -2.06
CA ALA B 114 34.70 8.18 -3.42
C ALA B 114 33.37 7.82 -4.06
N GLU B 115 32.59 6.94 -3.44
CA GLU B 115 31.29 6.55 -3.99
C GLU B 115 30.16 7.48 -3.57
N ASP B 116 30.42 8.40 -2.65
CA ASP B 116 29.39 9.35 -2.19
C ASP B 116 29.39 10.61 -3.07
N THR B 117 29.25 10.40 -4.37
CA THR B 117 29.26 11.50 -5.33
C THR B 117 27.94 11.53 -6.09
N ALA B 118 26.83 11.41 -5.36
CA ALA B 118 25.51 11.27 -5.92
C ALA B 118 24.65 12.50 -5.58
N VAL B 119 23.38 12.45 -5.98
CA VAL B 119 22.41 13.49 -5.65
C VAL B 119 21.40 12.90 -4.69
N TYR B 120 21.19 13.57 -3.57
CA TYR B 120 20.32 13.07 -2.51
C TYR B 120 18.93 13.66 -2.65
N TYR B 121 17.92 12.80 -2.71
CA TYR B 121 16.53 13.20 -2.66
C TYR B 121 15.93 12.72 -1.34
N CYS B 122 14.98 13.48 -0.80
CA CYS B 122 14.25 13.06 0.38
C CYS B 122 12.76 13.04 0.03
N ALA B 123 12.10 11.93 0.32
CA ALA B 123 10.73 11.70 -0.12
C ALA B 123 9.87 11.25 1.05
N ARG B 124 8.62 11.70 1.05
CA ARG B 124 7.70 11.35 2.12
C ARG B 124 7.16 9.94 1.92
N ASP B 125 6.35 9.51 2.88
CA ASP B 125 5.83 8.15 2.93
C ASP B 125 4.37 8.22 3.40
N GLY B 126 3.84 7.12 3.93
CA GLY B 126 2.43 7.05 4.23
C GLY B 126 1.82 5.69 4.01
N THR B 127 2.65 4.69 3.72
CA THR B 127 2.18 3.31 3.76
C THR B 127 3.37 2.41 4.08
N VAL B 128 3.14 1.45 4.97
CA VAL B 128 4.17 0.51 5.41
C VAL B 128 5.42 1.26 5.87
N ALA B 129 5.24 2.51 6.27
CA ALA B 129 6.35 3.29 6.82
C ALA B 129 5.97 4.10 8.07
N VAL B 130 4.70 4.41 8.29
CA VAL B 130 4.28 5.30 9.35
C VAL B 130 3.00 4.76 9.98
N ARG B 131 2.81 5.03 11.27
CA ARG B 131 1.55 4.68 11.91
C ARG B 131 0.43 5.44 11.24
N GLY B 132 -0.41 4.73 10.48
CA GLY B 132 -1.45 5.38 9.71
C GLY B 132 -1.13 5.43 8.23
N VAL B 133 -1.80 4.61 7.43
CA VAL B 133 -1.59 4.62 5.98
C VAL B 133 -2.47 5.70 5.38
N MET B 134 -1.84 6.73 4.81
CA MET B 134 -2.56 7.89 4.31
C MET B 134 -2.35 8.11 2.81
N ASN B 135 -1.12 8.08 2.35
CA ASN B 135 -0.77 8.36 0.97
C ASN B 135 -0.02 7.19 0.38
N PRO B 136 -0.01 7.04 -0.95
CA PRO B 136 0.76 5.96 -1.56
C PRO B 136 2.25 6.16 -1.33
N PHE B 137 2.97 5.05 -1.22
CA PHE B 137 4.40 5.10 -0.92
C PHE B 137 5.12 5.98 -1.93
N PHE B 138 5.95 6.90 -1.43
CA PHE B 138 6.82 7.69 -2.30
C PHE B 138 6.01 8.42 -3.38
N ASP B 139 5.19 9.36 -2.91
CA ASP B 139 4.24 10.05 -3.79
C ASP B 139 4.78 11.34 -4.37
N TYR B 140 5.63 12.09 -3.65
CA TYR B 140 5.96 13.44 -4.06
C TYR B 140 7.44 13.66 -4.37
N TRP B 141 8.34 13.23 -3.49
CA TRP B 141 9.76 13.54 -3.67
C TRP B 141 9.91 15.06 -3.69
N GLY B 142 10.80 15.57 -4.54
CA GLY B 142 10.95 17.00 -4.75
C GLY B 142 12.38 17.47 -4.77
N GLN B 143 12.77 18.14 -5.86
CA GLN B 143 14.08 18.77 -5.97
C GLN B 143 15.21 17.79 -5.68
N GLY B 144 16.43 18.30 -5.50
CA GLY B 144 17.57 17.47 -5.20
C GLY B 144 18.74 18.32 -4.79
N THR B 145 19.73 17.68 -4.17
CA THR B 145 20.93 18.34 -3.69
C THR B 145 22.14 17.57 -4.17
N LEU B 146 23.13 18.29 -4.70
CA LEU B 146 24.33 17.66 -5.25
C LEU B 146 25.43 17.70 -4.20
N VAL B 147 26.02 16.53 -3.90
CA VAL B 147 26.90 16.37 -2.75
C VAL B 147 28.24 15.80 -3.16
N THR B 148 28.72 16.15 -4.35
CA THR B 148 29.99 15.61 -4.84
C THR B 148 31.09 15.88 -3.83
N VAL B 149 31.91 14.86 -3.57
CA VAL B 149 32.96 14.91 -2.56
C VAL B 149 34.30 14.74 -3.26
N SER B 150 35.25 15.62 -2.96
CA SER B 150 36.58 15.54 -3.52
C SER B 150 37.52 16.38 -2.65
N SER B 151 38.82 16.17 -2.86
CA SER B 151 39.84 16.91 -2.12
C SER B 151 40.78 17.63 -3.08
N ASP C 27 17.68 -8.79 1.19
CA ASP C 27 18.12 -9.85 0.24
C ASP C 27 17.35 -9.76 -1.08
N ILE C 28 16.31 -8.94 -1.09
CA ILE C 28 15.47 -8.84 -2.29
C ILE C 28 16.29 -8.30 -3.44
N GLN C 29 16.15 -8.94 -4.60
CA GLN C 29 16.85 -8.54 -5.82
C GLN C 29 15.83 -8.31 -6.93
N LEU C 30 15.97 -7.19 -7.63
CA LEU C 30 15.09 -6.83 -8.73
C LEU C 30 15.81 -6.96 -10.06
N THR C 31 15.03 -7.13 -11.13
CA THR C 31 15.60 -7.29 -12.46
C THR C 31 14.53 -6.95 -13.49
N GLN C 32 14.80 -5.93 -14.30
CA GLN C 32 13.91 -5.54 -15.39
C GLN C 32 14.44 -6.14 -16.68
N SER C 33 13.62 -6.96 -17.34
CA SER C 33 14.12 -7.75 -18.46
C SER C 33 14.61 -6.89 -19.62
N PRO C 34 13.87 -5.90 -20.12
CA PRO C 34 14.31 -5.22 -21.35
C PRO C 34 15.55 -4.37 -21.15
N SER C 35 15.51 -3.46 -20.17
CA SER C 35 16.62 -2.59 -19.85
C SER C 35 16.89 -1.55 -20.93
N SER C 36 16.16 -1.63 -22.05
CA SER C 36 16.29 -0.63 -23.11
C SER C 36 15.19 -0.82 -24.15
N LEU C 37 14.49 0.25 -24.50
CA LEU C 37 13.40 0.19 -25.47
C LEU C 37 13.51 1.35 -26.46
N SER C 38 12.99 1.12 -27.66
CA SER C 38 12.87 2.16 -28.67
C SER C 38 11.63 1.82 -29.49
N ALA C 39 10.49 2.40 -29.12
CA ALA C 39 9.21 2.11 -29.73
C ALA C 39 8.73 3.31 -30.54
N SER C 40 7.77 3.05 -31.42
CA SER C 40 7.19 4.11 -32.23
C SER C 40 6.25 4.97 -31.40
N VAL C 41 5.90 6.14 -31.94
CA VAL C 41 5.10 7.10 -31.18
C VAL C 41 3.74 6.53 -30.85
N GLY C 42 3.15 5.76 -31.76
CA GLY C 42 1.81 5.24 -31.56
C GLY C 42 1.76 3.79 -31.12
N ASP C 43 2.87 3.28 -30.60
CA ASP C 43 2.98 1.88 -30.25
C ASP C 43 2.68 1.67 -28.76
N ARG C 44 2.24 0.45 -28.43
CA ARG C 44 1.93 0.06 -27.06
C ARG C 44 3.14 -0.67 -26.48
N VAL C 45 3.66 -0.16 -25.37
CA VAL C 45 4.88 -0.70 -24.76
C VAL C 45 4.49 -1.41 -23.47
N THR C 46 4.82 -2.70 -23.38
CA THR C 46 4.49 -3.54 -22.23
C THR C 46 5.80 -3.91 -21.54
N ILE C 47 6.23 -3.07 -20.60
CA ILE C 47 7.44 -3.36 -19.84
C ILE C 47 7.10 -4.27 -18.67
N THR C 48 8.13 -4.93 -18.13
CA THR C 48 7.93 -5.93 -17.09
C THR C 48 8.95 -5.74 -15.98
N CYS C 49 8.58 -6.22 -14.79
CA CYS C 49 9.43 -6.16 -13.62
C CYS C 49 9.34 -7.49 -12.88
N GLN C 50 10.50 -8.04 -12.52
CA GLN C 50 10.60 -9.33 -11.87
C GLN C 50 11.38 -9.18 -10.57
N ALA C 51 10.90 -9.87 -9.53
CA ALA C 51 11.51 -9.79 -8.20
C ALA C 51 11.70 -11.19 -7.64
N SER C 52 12.76 -11.35 -6.85
CA SER C 52 13.05 -12.64 -6.22
C SER C 52 12.14 -12.86 -5.02
N GLN C 53 12.13 -14.10 -4.55
CA GLN C 53 11.29 -14.48 -3.42
C GLN C 53 9.84 -14.11 -3.71
N ASP C 54 9.09 -13.70 -2.69
CA ASP C 54 7.72 -13.23 -2.86
C ASP C 54 7.64 -11.78 -2.39
N ILE C 55 6.77 -11.01 -3.05
CA ILE C 55 6.65 -9.59 -2.76
C ILE C 55 5.18 -9.21 -2.57
N SER C 56 4.27 -10.09 -2.98
CA SER C 56 2.83 -9.89 -2.81
C SER C 56 2.41 -8.70 -3.66
N ASN C 57 1.83 -7.65 -3.09
CA ASN C 57 1.16 -6.59 -3.84
C ASN C 57 1.67 -5.22 -3.43
N TYR C 58 2.99 -5.05 -3.38
CA TYR C 58 3.62 -3.77 -3.04
C TYR C 58 4.68 -3.47 -4.09
N LEU C 59 4.32 -2.65 -5.08
CA LEU C 59 5.28 -2.24 -6.10
C LEU C 59 4.83 -0.92 -6.72
N ASN C 60 5.79 -0.15 -7.21
CA ASN C 60 5.55 1.15 -7.80
C ASN C 60 6.45 1.35 -9.00
N TRP C 61 6.05 2.27 -9.88
CA TRP C 61 6.81 2.62 -11.07
C TRP C 61 7.03 4.12 -11.10
N TYR C 62 8.16 4.53 -11.67
CA TYR C 62 8.58 5.93 -11.57
C TYR C 62 8.90 6.49 -12.95
N GLN C 63 8.94 7.83 -13.04
CA GLN C 63 9.16 8.56 -14.28
C GLN C 63 10.37 9.48 -14.10
N GLN C 64 11.57 8.97 -14.36
CA GLN C 64 12.79 9.72 -14.14
C GLN C 64 13.19 10.42 -15.43
N ILE C 65 12.79 11.67 -15.57
CA ILE C 65 13.33 12.55 -16.61
C ILE C 65 14.68 13.03 -16.12
N PRO C 66 15.68 13.23 -16.99
CA PRO C 66 16.98 13.69 -16.50
C PRO C 66 16.88 14.96 -15.67
N GLY C 67 17.38 14.91 -14.45
CA GLY C 67 17.35 16.08 -13.57
C GLY C 67 15.96 16.53 -13.19
N LYS C 68 15.08 15.60 -12.82
CA LYS C 68 13.73 15.95 -12.42
C LYS C 68 13.22 14.91 -11.42
N ALA C 69 12.23 15.31 -10.64
CA ALA C 69 11.66 14.40 -9.66
C ALA C 69 10.97 13.23 -10.38
N PRO C 70 11.18 12.00 -9.93
CA PRO C 70 10.56 10.86 -10.64
C PRO C 70 9.05 10.80 -10.52
N LYS C 71 8.44 11.54 -9.59
CA LYS C 71 7.01 11.48 -9.34
C LYS C 71 6.52 10.04 -9.34
N LEU C 72 5.29 9.80 -9.81
CA LEU C 72 4.68 8.48 -9.67
C LEU C 72 3.60 8.29 -10.73
N LEU C 73 3.44 7.04 -11.17
CA LEU C 73 2.34 6.65 -12.05
C LEU C 73 1.42 5.64 -11.40
N ILE C 74 1.94 4.49 -10.98
CA ILE C 74 1.14 3.38 -10.49
C ILE C 74 1.65 2.99 -9.12
N TYR C 75 0.74 2.90 -8.15
CA TYR C 75 1.05 2.42 -6.82
C TYR C 75 0.31 1.11 -6.57
N ASP C 76 0.98 0.17 -5.91
CA ASP C 76 0.50 -1.18 -5.70
C ASP C 76 0.42 -1.98 -6.99
N ALA C 77 0.97 -1.46 -8.09
CA ALA C 77 1.02 -2.16 -9.37
C ALA C 77 -0.37 -2.48 -9.91
N SER C 78 -1.41 -1.82 -9.38
CA SER C 78 -2.78 -2.10 -9.82
C SER C 78 -3.61 -0.86 -10.05
N ASN C 79 -3.17 0.33 -9.64
CA ASN C 79 -3.99 1.53 -9.73
C ASN C 79 -3.11 2.74 -10.03
N LEU C 80 -3.67 3.69 -10.77
CA LEU C 80 -2.96 4.90 -11.16
C LEU C 80 -3.30 6.03 -10.21
N GLU C 81 -2.29 6.74 -9.75
CA GLU C 81 -2.51 7.84 -8.82
C GLU C 81 -3.30 8.96 -9.50
N THR C 82 -4.13 9.63 -8.72
CA THR C 82 -4.96 10.71 -9.24
C THR C 82 -4.10 11.85 -9.74
N GLY C 83 -4.04 12.04 -11.06
CA GLY C 83 -3.28 13.12 -11.64
C GLY C 83 -2.48 12.69 -12.86
N VAL C 84 -2.01 11.45 -12.87
CA VAL C 84 -1.27 10.92 -14.02
C VAL C 84 -2.25 10.72 -15.16
N PRO C 85 -1.84 10.89 -16.42
CA PRO C 85 -2.75 10.58 -17.53
C PRO C 85 -3.22 9.14 -17.47
N SER C 86 -4.48 8.94 -17.88
CA SER C 86 -5.11 7.62 -17.80
C SER C 86 -4.56 6.64 -18.81
N ARG C 87 -3.69 7.07 -19.73
CA ARG C 87 -3.17 6.15 -20.75
C ARG C 87 -2.42 4.99 -20.10
N PHE C 88 -1.60 5.29 -19.10
CA PHE C 88 -0.76 4.28 -18.48
C PHE C 88 -1.59 3.35 -17.60
N SER C 89 -1.10 2.13 -17.42
CA SER C 89 -1.77 1.16 -16.58
C SER C 89 -0.77 0.13 -16.09
N GLY C 90 -1.15 -0.61 -15.06
CA GLY C 90 -0.28 -1.63 -14.51
C GLY C 90 -1.09 -2.81 -13.99
N SER C 91 -0.38 -3.94 -13.85
CA SER C 91 -1.01 -5.16 -13.35
C SER C 91 0.10 -6.09 -12.87
N GLY C 92 -0.31 -7.23 -12.33
CA GLY C 92 0.62 -8.24 -11.87
C GLY C 92 0.59 -8.41 -10.36
N SER C 93 1.22 -9.48 -9.91
CA SER C 93 1.17 -9.89 -8.51
C SER C 93 2.22 -10.98 -8.31
N GLY C 94 2.17 -11.65 -7.16
CA GLY C 94 3.07 -12.75 -6.89
C GLY C 94 4.52 -12.32 -6.96
N THR C 95 5.21 -12.72 -8.04
CA THR C 95 6.60 -12.38 -8.23
C THR C 95 6.84 -11.67 -9.56
N ASP C 96 5.80 -11.31 -10.29
CA ASP C 96 5.94 -10.70 -11.61
C ASP C 96 4.92 -9.59 -11.78
N PHE C 97 5.34 -8.49 -12.41
CA PHE C 97 4.45 -7.37 -12.65
C PHE C 97 4.70 -6.82 -14.05
N THR C 98 3.65 -6.21 -14.61
CA THR C 98 3.69 -5.64 -15.94
C THR C 98 3.14 -4.22 -15.91
N PHE C 99 3.70 -3.37 -16.77
CA PHE C 99 3.35 -1.96 -16.85
C PHE C 99 3.16 -1.62 -18.32
N THR C 100 1.96 -1.17 -18.68
CA THR C 100 1.59 -0.96 -20.07
C THR C 100 1.37 0.51 -20.34
N ILE C 101 1.99 1.00 -21.41
CA ILE C 101 1.78 2.35 -21.93
C ILE C 101 1.06 2.20 -23.26
N SER C 102 -0.08 2.87 -23.39
CA SER C 102 -0.93 2.69 -24.56
C SER C 102 -0.44 3.50 -25.75
N SER C 103 -0.46 4.82 -25.64
CA SER C 103 -0.08 5.72 -26.73
C SER C 103 0.87 6.77 -26.16
N LEU C 104 2.16 6.45 -26.14
CA LEU C 104 3.16 7.34 -25.57
C LEU C 104 3.41 8.51 -26.52
N GLN C 105 3.32 9.71 -26.00
CA GLN C 105 3.67 10.92 -26.73
C GLN C 105 5.16 11.18 -26.62
N PRO C 106 5.73 12.03 -27.48
CA PRO C 106 7.16 12.31 -27.39
C PRO C 106 7.59 12.78 -26.01
N GLU C 107 6.63 13.23 -25.20
CA GLU C 107 6.93 13.61 -23.83
C GLU C 107 7.44 12.42 -23.02
N ASP C 108 6.84 11.24 -23.22
CA ASP C 108 7.18 10.04 -22.46
C ASP C 108 8.45 9.41 -23.04
N ILE C 109 9.59 10.01 -22.72
CA ILE C 109 10.88 9.49 -23.14
C ILE C 109 11.81 9.38 -21.93
N ALA C 110 11.23 9.30 -20.74
CA ALA C 110 12.01 9.25 -19.53
C ALA C 110 12.42 7.82 -19.21
N THR C 111 13.30 7.69 -18.22
CA THR C 111 13.65 6.37 -17.70
C THR C 111 12.54 5.89 -16.77
N TYR C 112 12.36 4.58 -16.68
CA TYR C 112 11.33 3.99 -15.84
C TYR C 112 11.96 2.98 -14.89
N TYR C 113 11.60 3.10 -13.62
CA TYR C 113 12.09 2.20 -12.58
C TYR C 113 10.92 1.55 -11.86
N CYS C 114 11.10 0.27 -11.52
CA CYS C 114 10.15 -0.52 -10.75
C CYS C 114 10.77 -0.82 -9.39
N GLN C 115 10.04 -0.52 -8.32
CA GLN C 115 10.53 -0.75 -6.97
C GLN C 115 9.47 -1.40 -6.10
N GLN C 116 9.88 -2.39 -5.31
CA GLN C 116 9.03 -2.95 -4.27
C GLN C 116 9.31 -2.30 -2.93
N TYR C 117 8.35 -2.41 -2.01
CA TYR C 117 8.46 -1.76 -0.71
C TYR C 117 7.85 -2.63 0.39
N ASP C 118 7.94 -3.95 0.25
CA ASP C 118 7.31 -4.84 1.23
C ASP C 118 8.28 -5.24 2.35
N ASN C 119 9.37 -5.90 2.01
CA ASN C 119 10.32 -6.36 3.02
C ASN C 119 11.24 -5.21 3.40
N LEU C 120 11.64 -5.17 4.68
CA LEU C 120 12.35 -4.03 5.22
C LEU C 120 13.49 -3.61 4.30
N PRO C 121 14.30 -4.54 3.81
CA PRO C 121 15.15 -4.19 2.67
C PRO C 121 14.31 -4.08 1.41
N TYR C 122 14.00 -2.85 1.00
CA TYR C 122 13.28 -2.59 -0.24
C TYR C 122 14.15 -2.13 -1.43
N THR C 123 14.77 -3.12 -2.06
CA THR C 123 15.65 -2.84 -3.19
C THR C 123 14.93 -2.00 -4.24
N PHE C 124 15.72 -1.29 -5.04
CA PHE C 124 15.21 -0.41 -6.08
C PHE C 124 15.60 -0.99 -7.44
N GLY C 125 14.66 -0.96 -8.38
CA GLY C 125 14.89 -1.57 -9.67
C GLY C 125 16.14 -1.05 -10.36
N GLN C 126 16.59 -1.83 -11.35
CA GLN C 126 17.78 -1.46 -12.10
C GLN C 126 17.58 -0.16 -12.86
N GLY C 127 16.63 -0.15 -13.79
CA GLY C 127 16.38 1.01 -14.62
C GLY C 127 16.27 0.61 -16.08
N THR C 128 15.39 1.28 -16.80
CA THR C 128 15.10 0.96 -18.20
C THR C 128 15.05 2.26 -18.99
N LYS C 129 16.04 2.44 -19.87
CA LYS C 129 16.08 3.63 -20.72
C LYS C 129 15.08 3.49 -21.85
N LEU C 130 14.22 4.49 -22.01
CA LEU C 130 13.23 4.52 -23.08
C LEU C 130 13.71 5.44 -24.18
N GLU C 131 13.62 4.97 -25.43
CA GLU C 131 14.10 5.70 -26.58
C GLU C 131 13.01 5.76 -27.65
N ILE C 132 13.29 6.49 -28.73
CA ILE C 132 12.38 6.64 -29.85
C ILE C 132 13.02 6.01 -31.07
N LYS C 133 12.25 5.23 -31.81
CA LYS C 133 12.75 4.56 -33.01
C LYS C 133 13.33 5.57 -33.99
C1 NAG D . -29.89 2.11 8.18
C2 NAG D . -31.08 1.31 7.63
C3 NAG D . -31.48 1.85 6.25
C4 NAG D . -31.71 3.35 6.33
C5 NAG D . -30.51 4.06 6.95
C6 NAG D . -30.74 5.53 7.17
C7 NAG D . -31.71 -1.04 7.33
C8 NAG D . -31.23 -2.46 7.28
N2 NAG D . -30.78 -0.11 7.55
O3 NAG D . -32.65 1.18 5.82
O4 NAG D . -31.92 3.90 5.02
O5 NAG D . -30.23 3.49 8.23
O6 NAG D . -31.42 5.78 8.39
O7 NAG D . -32.89 -0.75 7.18
H2 NAG D . -31.84 1.43 8.24
H3 NAG D . -30.76 1.67 5.63
H4 NAG D . -32.50 3.53 6.89
H5 NAG D . -29.74 3.93 6.37
H61 NAG D . -31.27 5.89 6.43
H62 NAG D . -29.87 5.98 7.20
H81 NAG D . -30.66 -2.58 6.50
H82 NAG D . -31.99 -3.06 7.23
H83 NAG D . -30.71 -2.65 8.09
HN2 NAG D . -29.91 -0.38 7.66
HO3 NAG D . -32.43 0.52 5.28
HO6 NAG D . -31.54 5.01 8.82
C1 NAG D . -33.21 3.54 4.48
C2 NAG D . -34.30 4.40 5.15
C3 NAG D . -34.91 5.38 4.14
C4 NAG D . -35.45 4.65 2.92
C5 NAG D . -34.51 3.53 2.51
C6 NAG D . -34.31 3.45 1.02
C7 NAG D . -35.87 3.81 6.94
C8 NAG D . -36.92 2.84 7.40
N2 NAG D . -35.33 3.57 5.74
O3 NAG D . -33.92 6.32 3.74
O4 NAG D . -36.74 4.11 3.21
O5 NAG D . -33.22 3.76 3.09
O6 NAG D . -33.14 2.70 0.69
O7 NAG D . -35.53 4.76 7.63
H2 NAG D . -33.88 4.93 5.86
H3 NAG D . -35.64 5.86 4.58
H4 NAG D . -35.54 5.29 2.19
H5 NAG D . -34.86 2.68 2.84
H61 NAG D . -34.23 4.34 0.65
H62 NAG D . -35.09 3.00 0.61
H81 NAG D . -37.26 3.11 8.26
H82 NAG D . -36.52 1.95 7.48
H83 NAG D . -37.64 2.81 6.75
HN2 NAG D . -35.62 2.84 5.27
HO3 NAG D . -34.07 7.09 4.15
HO4 NAG D . -36.65 3.36 3.67
HO6 NAG D . -32.44 3.09 1.05
#